data_1Y5V
#
_entry.id   1Y5V
#
_cell.length_a   90.59
_cell.length_b   64.93
_cell.length_c   70.12
_cell.angle_alpha   90.00
_cell.angle_beta   95.83
_cell.angle_gamma   90.00
#
_symmetry.space_group_name_H-M   'C 1 2 1'
#
loop_
_entity.id
_entity.type
_entity.pdbx_description
1 polymer 'Queuine tRNA-ribosyltransferase'
2 non-polymer 'ZINC ION'
3 non-polymer 6-AMINO-4-(2-PHENYLETHYL)-1,7-DIHYDRO-8H-IMIDAZO[4,5-G]QUINAZOLIN-8-ONE
4 non-polymer GLYCEROL
5 water water
#
_entity_poly.entity_id   1
_entity_poly.type   'polypeptide(L)'
_entity_poly.pdbx_seq_one_letter_code
;VEATAQETDRPRFSFSIAAREGKARTGTIEMKRGVIRTPAFMPVGTAATVKALKPETVRATGADIILGNTYHLMLRPGAE
RIAKLGGLHSFMGWDRPILTDSGGYQVMSLSSLTKQSEEGVTFKSHLDGSRHMLSPERSIEIQHLLGSDIVMAFDECTPY
PATPSRAASSMERSMRWAKRSRDAFDSRKEQAENAALFGIQQGSVFENLRQQSADALAEIGFDGYAVGGLAVGEGQDEMF
RVLDFSVPMLPDDKPHYLMGVGKPDDIVGAVERGIDMFDCVLPTRSGRNGQAFTWDGPINIRNARFSEDLKPLDSECHCA
VCQKWSRAYIHHLIRAGEILGAMLMTEHNIAFYQQLMQKIRDSISEGRFSQFAQDFRARYFARNS
;
_entity_poly.pdbx_strand_id   A
#
loop_
_chem_comp.id
_chem_comp.type
_chem_comp.name
_chem_comp.formula
GOL non-polymer GLYCEROL 'C3 H8 O3'
NE8 non-polymer 6-AMINO-4-(2-PHENYLETHYL)-1,7-DIHYDRO-8H-IMIDAZO[4,5-G]QUINAZOLIN-8-ONE 'C17 H15 N5 O'
ZN non-polymer 'ZINC ION' 'Zn 2'
#
# COMPACT_ATOMS: atom_id res chain seq x y z
N ARG A 10 12.73 10.19 -17.20
CA ARG A 10 12.00 10.70 -16.04
C ARG A 10 12.98 11.08 -14.94
N PRO A 11 12.56 11.93 -14.00
CA PRO A 11 13.38 12.25 -12.83
C PRO A 11 13.40 11.12 -11.81
N ARG A 12 14.31 11.22 -10.83
CA ARG A 12 14.26 10.29 -9.72
C ARG A 12 12.90 10.25 -9.02
N PHE A 13 12.40 11.48 -8.79
CA PHE A 13 11.13 11.63 -8.11
C PHE A 13 10.54 13.01 -8.36
N SER A 14 9.31 13.01 -8.88
CA SER A 14 8.57 14.26 -9.01
C SER A 14 7.08 14.05 -8.74
N PHE A 15 6.51 14.69 -7.77
CA PHE A 15 5.05 14.62 -7.52
C PHE A 15 4.38 15.90 -7.97
N SER A 16 3.42 15.73 -8.87
CA SER A 16 2.66 16.86 -9.36
C SER A 16 1.17 16.61 -9.17
N ILE A 17 0.53 17.65 -8.63
CA ILE A 17 -0.90 17.68 -8.38
C ILE A 17 -1.59 18.37 -9.53
N ALA A 18 -2.43 17.62 -10.21
CA ALA A 18 -3.11 18.16 -11.38
C ALA A 18 -4.45 18.79 -11.04
N ALA A 19 -5.10 18.31 -9.99
CA ALA A 19 -6.45 18.75 -9.61
C ALA A 19 -6.73 18.38 -8.14
N ARG A 20 -7.64 19.18 -7.58
N ARG A 20 -7.62 19.18 -7.56
CA ARG A 20 -8.05 19.11 -6.20
CA ARG A 20 -7.98 19.15 -6.16
C ARG A 20 -9.56 19.34 -6.08
C ARG A 20 -9.48 19.39 -6.01
N GLU A 21 -10.07 18.77 -5.02
CA GLU A 21 -11.44 18.98 -4.60
C GLU A 21 -11.49 18.76 -3.09
N GLY A 22 -11.70 19.85 -2.37
CA GLY A 22 -11.56 19.73 -0.91
C GLY A 22 -10.14 19.34 -0.56
N LYS A 23 -10.02 18.33 0.29
CA LYS A 23 -8.71 17.78 0.67
C LYS A 23 -8.19 16.74 -0.32
N ALA A 24 -9.03 16.29 -1.25
CA ALA A 24 -8.66 15.27 -2.23
C ALA A 24 -7.85 15.90 -3.36
N ARG A 25 -6.94 15.10 -3.87
CA ARG A 25 -5.99 15.51 -4.89
C ARG A 25 -5.83 14.36 -5.89
N THR A 26 -5.56 14.69 -7.13
CA THR A 26 -5.18 13.69 -8.11
C THR A 26 -4.01 14.28 -8.89
N GLY A 27 -3.11 13.39 -9.33
CA GLY A 27 -1.84 13.79 -9.89
C GLY A 27 -1.00 12.58 -10.31
N THR A 28 0.29 12.86 -10.34
CA THR A 28 1.25 11.87 -10.80
C THR A 28 2.56 11.94 -10.03
N ILE A 29 3.11 10.74 -9.82
CA ILE A 29 4.46 10.63 -9.30
C ILE A 29 5.31 10.11 -10.46
N GLU A 30 6.35 10.86 -10.84
CA GLU A 30 7.23 10.38 -11.91
C GLU A 30 8.50 9.87 -11.27
N MET A 31 8.87 8.67 -11.70
CA MET A 31 10.10 8.06 -11.20
C MET A 31 10.85 7.42 -12.38
N LYS A 32 12.08 7.00 -12.21
CA LYS A 32 12.84 6.48 -13.34
C LYS A 32 12.15 5.30 -13.99
N ARG A 33 11.54 4.41 -13.21
N ARG A 33 11.50 4.47 -13.19
CA ARG A 33 10.94 3.22 -13.84
CA ARG A 33 10.87 3.26 -13.70
C ARG A 33 9.51 3.43 -14.27
C ARG A 33 9.50 3.44 -14.29
N GLY A 34 8.91 4.63 -14.19
CA GLY A 34 7.58 4.88 -14.67
C GLY A 34 6.78 5.90 -13.89
N VAL A 35 5.55 6.10 -14.35
CA VAL A 35 4.66 7.07 -13.74
C VAL A 35 3.59 6.39 -12.92
N ILE A 36 3.29 7.00 -11.77
CA ILE A 36 2.31 6.50 -10.84
C ILE A 36 1.15 7.50 -10.73
N ARG A 37 -0.02 7.06 -11.12
CA ARG A 37 -1.19 7.93 -11.12
C ARG A 37 -1.76 7.91 -9.72
N THR A 38 -2.04 9.10 -9.23
CA THR A 38 -2.56 9.17 -7.89
C THR A 38 -3.94 9.81 -7.81
N PRO A 39 -4.80 9.40 -6.89
CA PRO A 39 -4.60 8.32 -5.90
C PRO A 39 -4.41 6.92 -6.49
N ALA A 40 -3.49 6.20 -5.86
CA ALA A 40 -2.91 4.97 -6.31
C ALA A 40 -3.31 3.81 -5.40
N PHE A 41 -3.60 2.65 -6.01
CA PHE A 41 -3.72 1.43 -5.21
C PHE A 41 -2.58 0.51 -5.65
N MET A 42 -1.83 0.04 -4.68
CA MET A 42 -0.63 -0.75 -4.90
C MET A 42 -0.82 -2.19 -4.49
N PRO A 43 -0.96 -3.11 -5.44
CA PRO A 43 -1.09 -4.53 -5.10
C PRO A 43 0.14 -5.03 -4.32
N VAL A 44 -0.11 -5.98 -3.42
CA VAL A 44 0.90 -6.50 -2.51
C VAL A 44 1.46 -7.83 -3.00
N GLY A 45 2.77 -7.93 -2.97
CA GLY A 45 3.44 -9.22 -3.18
C GLY A 45 3.96 -9.68 -1.83
N THR A 46 3.75 -10.93 -1.43
CA THR A 46 4.32 -11.13 -0.09
C THR A 46 5.65 -11.89 -0.19
N ALA A 47 5.88 -12.64 -1.26
CA ALA A 47 7.12 -13.35 -1.55
C ALA A 47 7.55 -13.13 -3.00
N ALA A 48 7.66 -11.89 -3.41
CA ALA A 48 8.16 -11.59 -4.76
C ALA A 48 7.18 -12.12 -5.81
N THR A 49 5.91 -12.03 -5.41
CA THR A 49 4.84 -12.32 -6.37
C THR A 49 3.55 -11.70 -5.88
N VAL A 50 2.71 -11.15 -6.77
CA VAL A 50 1.36 -10.72 -6.34
C VAL A 50 0.52 -11.98 -6.41
N LYS A 51 -0.08 -12.49 -5.37
CA LYS A 51 -0.43 -13.91 -5.34
C LYS A 51 -1.39 -14.26 -6.49
N ALA A 52 -1.02 -15.33 -7.20
CA ALA A 52 -1.79 -15.94 -8.25
C ALA A 52 -1.83 -15.15 -9.54
N LEU A 53 -0.99 -14.13 -9.70
CA LEU A 53 -0.99 -13.34 -10.90
C LEU A 53 0.41 -13.18 -11.49
N LYS A 54 0.53 -13.34 -12.80
CA LYS A 54 1.73 -12.92 -13.52
C LYS A 54 1.81 -11.40 -13.47
N PRO A 55 3.01 -10.84 -13.49
CA PRO A 55 3.08 -9.38 -13.49
C PRO A 55 2.38 -8.74 -14.67
N GLU A 56 2.37 -9.39 -15.84
CA GLU A 56 1.69 -8.78 -16.98
C GLU A 56 0.21 -8.63 -16.68
N THR A 57 -0.32 -9.54 -15.89
CA THR A 57 -1.74 -9.46 -15.49
C THR A 57 -1.94 -8.34 -14.49
N VAL A 58 -1.01 -8.22 -13.56
CA VAL A 58 -1.12 -7.12 -12.59
C VAL A 58 -1.15 -5.81 -13.31
N ARG A 59 -0.27 -5.66 -14.30
CA ARG A 59 -0.24 -4.44 -15.10
C ARG A 59 -1.53 -4.25 -15.89
N ALA A 60 -2.03 -5.34 -16.47
CA ALA A 60 -3.23 -5.21 -17.29
C ALA A 60 -4.43 -4.72 -16.50
N THR A 61 -4.46 -4.99 -15.19
CA THR A 61 -5.52 -4.49 -14.36
C THR A 61 -5.44 -2.97 -14.11
N GLY A 62 -4.30 -2.38 -14.43
CA GLY A 62 -4.05 -0.96 -14.28
C GLY A 62 -3.09 -0.56 -13.19
N ALA A 63 -2.49 -1.50 -12.46
CA ALA A 63 -1.49 -1.12 -11.47
C ALA A 63 -0.28 -0.42 -12.08
N ASP A 64 0.19 0.64 -11.44
CA ASP A 64 1.35 1.39 -11.85
C ASP A 64 2.55 1.06 -10.95
N ILE A 65 2.30 0.48 -9.79
CA ILE A 65 3.35 0.19 -8.81
C ILE A 65 2.85 -0.99 -7.99
N ILE A 66 3.78 -1.81 -7.47
CA ILE A 66 3.40 -2.90 -6.55
C ILE A 66 4.24 -2.79 -5.29
N LEU A 67 3.80 -3.48 -4.24
CA LEU A 67 4.53 -3.43 -2.99
C LEU A 67 5.25 -4.76 -2.75
N GLY A 68 6.52 -4.61 -2.44
N GLY A 68 6.42 -4.67 -2.16
CA GLY A 68 7.39 -5.75 -2.22
CA GLY A 68 7.07 -5.76 -1.48
C GLY A 68 7.39 -6.03 -0.74
C GLY A 68 7.43 -5.42 -0.05
N ASN A 69 7.18 -7.28 -0.35
N ASN A 69 8.18 -6.29 0.65
CA ASN A 69 7.09 -7.53 1.09
CA ASN A 69 8.45 -5.94 2.05
C ASN A 69 8.44 -7.89 1.70
C ASN A 69 9.76 -6.52 2.53
N THR A 70 9.21 -6.89 2.11
N THR A 70 10.48 -5.75 3.34
CA THR A 70 10.56 -7.01 2.66
CA THR A 70 11.84 -6.08 3.74
C THR A 70 10.79 -8.12 3.68
C THR A 70 11.93 -7.37 4.53
N TYR A 71 10.07 -8.12 4.78
N TYR A 71 11.03 -7.51 5.49
CA TYR A 71 10.14 -9.12 5.82
CA TYR A 71 11.06 -8.66 6.38
C TYR A 71 10.22 -10.53 5.26
C TYR A 71 10.87 -9.96 5.62
N HIS A 72 9.31 -10.82 4.33
N HIS A 72 9.84 -10.08 4.78
CA HIS A 72 9.40 -12.17 3.75
CA HIS A 72 9.56 -11.35 4.11
C HIS A 72 10.62 -12.27 2.86
C HIS A 72 10.71 -11.89 3.25
N LEU A 73 11.02 -11.16 2.19
CA LEU A 73 12.12 -11.38 1.26
C LEU A 73 13.48 -11.52 1.92
N MET A 74 13.71 -10.79 3.01
CA MET A 74 15.00 -10.95 3.67
C MET A 74 15.15 -12.36 4.26
N LEU A 75 14.05 -13.02 4.52
CA LEU A 75 14.08 -14.41 4.98
C LEU A 75 14.13 -15.38 3.79
N ARG A 76 13.24 -15.15 2.83
CA ARG A 76 13.08 -15.98 1.65
C ARG A 76 12.79 -15.12 0.44
N PRO A 77 13.64 -15.05 -0.56
CA PRO A 77 14.86 -15.82 -0.71
C PRO A 77 16.14 -15.26 -0.08
N GLY A 78 16.09 -14.08 0.54
CA GLY A 78 17.24 -13.36 1.05
C GLY A 78 17.59 -12.17 0.19
N ALA A 79 18.00 -11.07 0.83
CA ALA A 79 18.24 -9.80 0.16
C ALA A 79 19.50 -9.87 -0.71
N GLU A 80 20.54 -10.42 -0.13
CA GLU A 80 21.82 -10.58 -0.80
C GLU A 80 21.61 -11.51 -2.02
N ARG A 81 20.77 -12.50 -1.84
CA ARG A 81 20.54 -13.42 -2.96
C ARG A 81 19.82 -12.72 -4.09
N ILE A 82 18.76 -11.96 -3.80
CA ILE A 82 18.06 -11.24 -4.85
C ILE A 82 18.99 -10.27 -5.55
N ALA A 83 19.86 -9.60 -4.80
CA ALA A 83 20.81 -8.66 -5.39
C ALA A 83 21.73 -9.37 -6.38
N LYS A 84 22.24 -10.52 -5.96
CA LYS A 84 23.13 -11.31 -6.83
C LYS A 84 22.39 -11.68 -8.11
N LEU A 85 21.08 -11.89 -8.02
CA LEU A 85 20.31 -12.30 -9.17
C LEU A 85 19.81 -11.18 -10.06
N GLY A 86 20.16 -9.94 -9.64
CA GLY A 86 19.88 -8.79 -10.46
C GLY A 86 18.82 -7.88 -9.91
N GLY A 87 18.36 -8.19 -8.70
CA GLY A 87 17.38 -7.32 -8.09
C GLY A 87 15.97 -7.80 -8.23
N LEU A 88 15.04 -7.24 -7.45
CA LEU A 88 13.68 -7.76 -7.47
C LEU A 88 12.97 -7.56 -8.78
N HIS A 89 13.24 -6.48 -9.47
CA HIS A 89 12.50 -6.21 -10.70
C HIS A 89 12.72 -7.32 -11.73
N SER A 90 13.98 -7.69 -11.93
CA SER A 90 14.40 -8.73 -12.87
C SER A 90 13.94 -10.09 -12.41
N PHE A 91 14.12 -10.31 -11.10
CA PHE A 91 13.78 -11.59 -10.49
C PHE A 91 12.31 -11.95 -10.72
N MET A 92 11.40 -11.04 -10.40
N MET A 92 11.43 -11.01 -10.38
CA MET A 92 9.96 -11.34 -10.53
CA MET A 92 9.99 -11.19 -10.47
C MET A 92 9.36 -10.88 -11.84
C MET A 92 9.48 -11.03 -11.90
N GLY A 93 10.10 -10.15 -12.68
CA GLY A 93 9.60 -9.73 -13.96
C GLY A 93 8.60 -8.59 -13.97
N TRP A 94 8.85 -7.65 -13.07
CA TRP A 94 8.09 -6.41 -12.96
C TRP A 94 9.07 -5.26 -13.16
N ASP A 95 8.92 -4.53 -14.25
CA ASP A 95 9.90 -3.50 -14.54
C ASP A 95 9.47 -2.08 -14.14
N ARG A 96 8.36 -1.90 -13.49
CA ARG A 96 7.85 -0.60 -13.06
C ARG A 96 8.16 -0.29 -11.61
N PRO A 97 7.78 0.82 -11.04
CA PRO A 97 8.20 1.04 -9.64
C PRO A 97 7.72 -0.03 -8.67
N ILE A 98 8.52 -0.20 -7.62
CA ILE A 98 8.25 -1.08 -6.49
C ILE A 98 8.46 -0.29 -5.20
N LEU A 99 7.45 -0.28 -4.34
CA LEU A 99 7.62 0.28 -2.98
C LEU A 99 7.90 -0.89 -2.05
N THR A 100 8.89 -0.78 -1.17
CA THR A 100 9.13 -1.79 -0.16
C THR A 100 8.89 -1.25 1.24
N ASP A 101 8.20 -2.05 2.09
CA ASP A 101 8.03 -1.67 3.49
C ASP A 101 9.37 -1.98 4.20
N SER A 102 9.49 -1.40 5.39
CA SER A 102 10.82 -1.35 5.99
C SER A 102 11.07 -2.58 6.88
N GLY A 103 10.01 -3.34 7.12
CA GLY A 103 10.12 -4.59 7.86
C GLY A 103 9.72 -4.37 9.33
N GLY A 104 9.62 -3.11 9.70
CA GLY A 104 9.31 -2.65 11.04
C GLY A 104 7.83 -2.65 11.39
N TYR A 105 7.16 -3.73 11.04
CA TYR A 105 5.75 -3.95 11.31
C TYR A 105 5.50 -5.46 11.34
N GLN A 106 5.88 -6.08 10.23
CA GLN A 106 5.77 -7.50 9.97
C GLN A 106 6.69 -8.31 10.88
N VAL A 107 7.78 -7.76 11.42
CA VAL A 107 8.53 -8.49 12.44
C VAL A 107 7.69 -8.55 13.73
N MET A 108 7.20 -7.38 14.17
CA MET A 108 6.42 -7.34 15.40
C MET A 108 4.99 -7.85 15.25
N THR A 114 11.51 -11.86 19.42
CA THR A 114 11.81 -10.46 19.13
C THR A 114 12.35 -9.74 20.36
N LYS A 115 13.59 -9.25 20.20
CA LYS A 115 14.23 -8.40 21.19
C LYS A 115 14.36 -7.00 20.60
N GLN A 116 13.67 -6.05 21.18
CA GLN A 116 13.58 -4.67 20.74
C GLN A 116 14.57 -3.82 21.52
N SER A 117 15.32 -2.95 20.86
CA SER A 117 16.21 -2.01 21.52
C SER A 117 16.23 -0.74 20.66
N GLU A 118 16.97 0.26 21.14
CA GLU A 118 17.15 1.49 20.39
C GLU A 118 17.93 1.27 19.11
N GLU A 119 18.72 0.21 19.03
CA GLU A 119 19.48 -0.17 17.86
C GLU A 119 18.59 -0.75 16.78
N GLY A 120 17.53 -1.43 17.17
CA GLY A 120 16.61 -2.09 16.27
C GLY A 120 15.94 -3.32 16.86
N VAL A 121 15.67 -4.32 16.01
CA VAL A 121 15.06 -5.55 16.54
C VAL A 121 15.76 -6.81 16.04
N THR A 122 15.89 -7.77 16.94
CA THR A 122 16.31 -9.12 16.68
C THR A 122 15.11 -10.05 16.83
N PHE A 123 15.05 -11.07 15.98
CA PHE A 123 13.83 -11.88 16.04
C PHE A 123 14.04 -13.27 15.46
N LYS A 124 13.01 -14.07 15.73
CA LYS A 124 12.97 -15.50 15.42
C LYS A 124 12.54 -15.74 13.97
N HIS A 132 17.78 -13.27 13.77
CA HIS A 132 17.94 -12.23 12.76
C HIS A 132 17.86 -10.83 13.38
N MET A 133 18.39 -9.86 12.66
CA MET A 133 18.35 -8.47 13.10
C MET A 133 17.92 -7.51 12.00
N LEU A 134 17.21 -6.48 12.48
CA LEU A 134 16.81 -5.36 11.67
C LEU A 134 17.08 -4.05 12.43
N SER A 135 17.80 -3.14 11.80
CA SER A 135 17.97 -1.78 12.31
C SER A 135 17.61 -0.81 11.19
N PRO A 136 17.45 0.47 11.47
CA PRO A 136 17.25 1.45 10.40
C PRO A 136 18.29 1.27 9.31
N GLU A 137 19.55 1.05 9.66
CA GLU A 137 20.59 0.95 8.63
C GLU A 137 20.45 -0.27 7.74
N ARG A 138 20.13 -1.42 8.28
CA ARG A 138 20.06 -2.72 7.66
C ARG A 138 18.77 -2.76 6.82
N SER A 139 17.71 -2.16 7.36
CA SER A 139 16.46 -2.09 6.60
C SER A 139 16.67 -1.33 5.30
N ILE A 140 17.32 -0.15 5.42
CA ILE A 140 17.59 0.67 4.24
C ILE A 140 18.50 -0.13 3.29
N GLU A 141 19.47 -0.85 3.85
CA GLU A 141 20.36 -1.62 3.00
C GLU A 141 19.65 -2.76 2.26
N ILE A 142 18.81 -3.46 3.00
CA ILE A 142 18.03 -4.51 2.33
C ILE A 142 17.19 -3.94 1.22
N GLN A 143 16.51 -2.80 1.45
CA GLN A 143 15.65 -2.26 0.39
C GLN A 143 16.49 -1.92 -0.81
N HIS A 144 17.71 -1.45 -0.52
CA HIS A 144 18.69 -1.21 -1.60
C HIS A 144 19.06 -2.47 -2.38
N LEU A 145 19.34 -3.57 -1.68
CA LEU A 145 19.70 -4.83 -2.31
C LEU A 145 18.56 -5.34 -3.17
N LEU A 146 17.35 -5.12 -2.64
CA LEU A 146 16.19 -5.52 -3.43
C LEU A 146 15.99 -4.65 -4.66
N GLY A 147 16.56 -3.45 -4.74
CA GLY A 147 16.37 -2.53 -5.85
C GLY A 147 15.08 -1.75 -5.75
N SER A 148 14.57 -1.52 -4.54
CA SER A 148 13.37 -0.76 -4.31
C SER A 148 13.37 0.64 -4.88
N ASP A 149 12.27 1.09 -5.47
CA ASP A 149 12.14 2.44 -5.99
C ASP A 149 11.69 3.45 -4.94
N ILE A 150 10.73 3.02 -4.11
CA ILE A 150 10.30 3.80 -2.97
C ILE A 150 10.62 3.01 -1.70
N VAL A 151 11.53 3.53 -0.92
CA VAL A 151 12.07 3.00 0.33
C VAL A 151 11.32 3.58 1.52
N MET A 152 10.86 2.72 2.43
CA MET A 152 10.17 3.24 3.61
C MET A 152 11.17 3.34 4.76
N ALA A 153 11.06 4.41 5.53
CA ALA A 153 11.84 4.52 6.75
C ALA A 153 11.50 3.36 7.68
N PHE A 154 12.50 3.02 8.47
CA PHE A 154 12.33 1.96 9.48
C PHE A 154 11.70 2.55 10.74
N ASP A 155 10.51 2.06 11.07
CA ASP A 155 9.69 2.63 12.11
C ASP A 155 9.32 1.52 13.11
N GLU A 156 8.64 1.90 14.17
CA GLU A 156 7.93 1.01 15.10
C GLU A 156 6.43 1.24 14.93
N CYS A 157 5.65 0.24 14.53
CA CYS A 157 4.23 0.50 14.35
C CYS A 157 3.51 0.27 15.68
N THR A 158 3.19 1.35 16.35
CA THR A 158 2.70 1.31 17.73
C THR A 158 1.44 0.46 17.86
N PRO A 159 1.39 -0.47 18.79
CA PRO A 159 0.23 -1.33 18.98
C PRO A 159 -1.00 -0.52 19.37
N TYR A 160 -2.20 -1.03 19.08
CA TYR A 160 -3.45 -0.36 19.42
C TYR A 160 -4.31 -1.31 20.28
N PRO A 161 -4.91 -0.78 21.34
CA PRO A 161 -4.74 0.62 21.78
C PRO A 161 -3.41 0.86 22.47
N ALA A 162 -3.08 2.16 22.55
CA ALA A 162 -1.80 2.47 23.19
C ALA A 162 -2.04 3.55 24.21
N THR A 163 -1.38 3.46 25.38
CA THR A 163 -1.49 4.59 26.27
C THR A 163 -0.71 5.78 25.73
N PRO A 164 -1.04 6.99 26.11
CA PRO A 164 -0.30 8.16 25.63
C PRO A 164 1.19 8.06 25.89
N SER A 165 1.62 7.59 27.06
CA SER A 165 3.07 7.54 27.31
C SER A 165 3.81 6.64 26.34
N ARG A 166 3.26 5.46 26.09
CA ARG A 166 3.75 4.38 25.26
C ARG A 166 3.68 4.81 23.79
N ALA A 167 2.58 5.44 23.41
CA ALA A 167 2.49 5.98 22.05
C ALA A 167 3.56 7.04 21.87
N ALA A 168 3.75 7.89 22.89
CA ALA A 168 4.81 8.88 22.71
C ALA A 168 6.21 8.31 22.65
N SER A 169 6.54 7.35 23.55
CA SER A 169 7.86 6.73 23.53
C SER A 169 8.17 6.10 22.17
N SER A 170 7.16 5.40 21.62
CA SER A 170 7.29 4.69 20.38
C SER A 170 7.46 5.67 19.21
N MET A 171 6.64 6.71 19.23
CA MET A 171 6.75 7.75 18.19
C MET A 171 8.13 8.38 18.19
N GLU A 172 8.60 8.75 19.39
CA GLU A 172 9.91 9.38 19.54
C GLU A 172 10.99 8.48 19.00
N ARG A 173 10.92 7.19 19.29
CA ARG A 173 11.92 6.25 18.78
C ARG A 173 11.82 6.17 17.26
N SER A 174 10.57 6.18 16.79
CA SER A 174 10.41 6.15 15.33
C SER A 174 11.04 7.36 14.67
N MET A 175 10.90 8.52 15.28
CA MET A 175 11.49 9.71 14.69
C MET A 175 13.01 9.64 14.74
N ARG A 176 13.59 9.14 15.82
CA ARG A 176 15.05 8.95 15.81
C ARG A 176 15.45 7.99 14.69
N TRP A 177 14.67 6.94 14.53
CA TRP A 177 14.93 5.96 13.47
C TRP A 177 14.71 6.54 12.09
N ALA A 178 13.81 7.51 11.99
CA ALA A 178 13.55 8.20 10.72
C ALA A 178 14.79 9.00 10.31
N LYS A 179 15.46 9.66 11.26
CA LYS A 179 16.69 10.37 10.93
C LYS A 179 17.77 9.38 10.56
N ARG A 180 17.88 8.27 11.28
CA ARG A 180 18.88 7.27 10.87
C ARG A 180 18.61 6.70 9.49
N SER A 181 17.34 6.55 9.14
CA SER A 181 16.96 6.06 7.81
C SER A 181 17.37 7.01 6.70
N ARG A 182 17.01 8.27 6.87
CA ARG A 182 17.40 9.37 5.99
C ARG A 182 18.90 9.36 5.76
N ASP A 183 19.66 9.26 6.85
CA ASP A 183 21.09 9.38 6.68
C ASP A 183 21.69 8.12 6.07
N ALA A 184 21.24 6.93 6.41
CA ALA A 184 21.68 5.71 5.71
C ALA A 184 21.41 5.77 4.21
N PHE A 185 20.18 6.16 3.87
CA PHE A 185 19.80 6.31 2.46
C PHE A 185 20.71 7.28 1.74
N ASP A 186 20.92 8.47 2.33
CA ASP A 186 21.68 9.49 1.63
C ASP A 186 23.15 9.12 1.49
N SER A 187 23.65 8.25 2.35
N SER A 187 23.67 8.27 2.36
CA SER A 187 25.02 7.80 2.45
CA SER A 187 25.07 7.87 2.32
C SER A 187 25.40 6.72 1.45
C SER A 187 25.40 7.12 1.04
N ARG A 188 24.43 6.30 0.65
CA ARG A 188 24.51 5.34 -0.40
C ARG A 188 24.16 5.97 -1.72
N LYS A 189 25.16 6.37 -2.51
CA LYS A 189 24.92 7.30 -3.60
C LYS A 189 23.97 6.74 -4.64
N GLU A 190 24.11 5.46 -4.93
CA GLU A 190 23.31 4.88 -5.99
C GLU A 190 21.84 4.93 -5.58
N GLN A 191 21.61 4.67 -4.30
CA GLN A 191 20.25 4.64 -3.81
C GLN A 191 19.65 6.02 -3.75
N ALA A 192 20.45 6.94 -3.19
CA ALA A 192 19.99 8.31 -3.10
C ALA A 192 19.69 8.91 -4.47
N GLU A 193 20.38 8.46 -5.52
CA GLU A 193 20.17 9.11 -6.82
C GLU A 193 19.03 8.52 -7.63
N ASN A 194 18.63 7.29 -7.31
CA ASN A 194 17.68 6.57 -8.16
C ASN A 194 16.40 6.20 -7.48
N ALA A 195 16.37 6.17 -6.16
CA ALA A 195 15.20 5.81 -5.38
C ALA A 195 14.65 7.00 -4.61
N ALA A 196 13.49 6.82 -4.00
CA ALA A 196 12.85 7.82 -3.15
C ALA A 196 12.73 7.28 -1.72
N LEU A 197 12.65 8.16 -0.75
CA LEU A 197 12.50 7.80 0.64
C LEU A 197 11.28 8.44 1.30
N PHE A 198 10.39 7.61 1.89
CA PHE A 198 9.23 8.13 2.59
C PHE A 198 9.43 7.96 4.09
N GLY A 199 9.02 9.01 4.82
CA GLY A 199 8.98 8.93 6.26
C GLY A 199 7.63 8.46 6.74
N ILE A 200 7.55 7.91 7.93
CA ILE A 200 6.28 7.41 8.44
C ILE A 200 5.86 8.07 9.76
N GLN A 201 4.73 8.77 9.70
CA GLN A 201 4.15 9.33 10.93
C GLN A 201 3.47 8.27 11.78
N GLN A 202 3.71 8.32 13.09
CA GLN A 202 3.26 7.61 14.26
C GLN A 202 2.60 8.62 15.20
N GLY A 203 2.23 8.14 16.37
CA GLY A 203 1.49 8.89 17.36
C GLY A 203 0.15 8.30 17.73
N SER A 204 -0.11 7.08 17.31
CA SER A 204 -1.37 6.41 17.61
C SER A 204 -2.53 7.31 17.22
N VAL A 205 -3.49 7.45 18.13
CA VAL A 205 -4.69 8.26 17.84
C VAL A 205 -4.64 9.63 18.47
N PHE A 206 -3.49 10.04 19.01
CA PHE A 206 -3.39 11.31 19.71
C PHE A 206 -2.92 12.42 18.81
N GLU A 207 -3.74 13.48 18.69
CA GLU A 207 -3.37 14.63 17.86
C GLU A 207 -2.03 15.24 18.19
N ASN A 208 -1.71 15.51 19.47
CA ASN A 208 -0.45 16.20 19.73
C ASN A 208 0.75 15.35 19.33
N LEU A 209 0.71 14.06 19.48
CA LEU A 209 1.83 13.22 19.05
C LEU A 209 1.93 13.11 17.52
N ARG A 210 0.79 13.07 16.84
CA ARG A 210 0.79 13.12 15.36
C ARG A 210 1.45 14.38 14.89
N GLN A 211 1.17 15.52 15.56
CA GLN A 211 1.74 16.80 15.17
C GLN A 211 3.24 16.82 15.41
N GLN A 212 3.65 16.26 16.55
CA GLN A 212 5.08 16.25 16.83
C GLN A 212 5.80 15.38 15.78
N SER A 213 5.08 14.32 15.40
CA SER A 213 5.68 13.38 14.46
C SER A 213 5.82 14.01 13.08
N ALA A 214 4.71 14.62 12.64
CA ALA A 214 4.74 15.35 11.38
C ALA A 214 5.84 16.40 11.34
N ASP A 215 5.97 17.21 12.40
CA ASP A 215 7.00 18.24 12.45
C ASP A 215 8.41 17.66 12.33
N ALA A 216 8.61 16.56 13.05
CA ALA A 216 9.94 15.97 13.08
C ALA A 216 10.30 15.46 11.69
N LEU A 217 9.27 14.91 11.04
CA LEU A 217 9.52 14.32 9.73
C LEU A 217 9.77 15.40 8.68
N ALA A 218 8.98 16.46 8.77
CA ALA A 218 9.15 17.55 7.81
C ALA A 218 10.51 18.20 7.99
N GLU A 219 10.98 18.28 9.24
CA GLU A 219 12.28 18.90 9.54
C GLU A 219 13.39 18.07 8.92
N ILE A 220 13.23 16.75 8.98
CA ILE A 220 14.21 15.85 8.36
C ILE A 220 14.13 15.97 6.83
N GLY A 221 12.89 15.84 6.38
CA GLY A 221 12.56 16.02 4.96
C GLY A 221 12.63 14.68 4.25
N PHE A 222 11.54 14.38 3.57
CA PHE A 222 11.34 13.13 2.83
C PHE A 222 10.65 13.38 1.50
N ASP A 223 10.67 12.37 0.64
CA ASP A 223 10.02 12.52 -0.67
C ASP A 223 8.53 12.34 -0.61
N GLY A 224 8.12 11.65 0.44
CA GLY A 224 6.70 11.34 0.66
C GLY A 224 6.47 11.02 2.12
N TYR A 225 5.23 11.05 2.56
CA TYR A 225 4.92 10.86 3.98
C TYR A 225 3.79 9.86 4.14
N ALA A 226 4.08 8.79 4.87
CA ALA A 226 3.03 7.84 5.17
C ALA A 226 2.40 8.14 6.50
N VAL A 227 1.12 7.80 6.62
CA VAL A 227 0.47 7.79 7.92
C VAL A 227 0.56 6.36 8.44
N GLY A 228 1.40 6.11 9.42
CA GLY A 228 1.46 4.76 9.93
C GLY A 228 0.60 4.60 11.17
N GLY A 229 0.64 3.39 11.75
CA GLY A 229 -0.04 3.16 13.02
C GLY A 229 -1.55 3.09 12.93
N LEU A 230 -2.10 3.02 11.74
CA LEU A 230 -3.57 2.81 11.58
C LEU A 230 -3.80 1.48 10.89
N ALA A 231 -5.06 1.16 10.64
CA ALA A 231 -5.34 -0.20 10.19
C ALA A 231 -4.75 -1.23 11.16
N VAL A 232 -4.91 -0.98 12.46
CA VAL A 232 -4.31 -1.90 13.43
C VAL A 232 -5.37 -2.36 14.45
N GLY A 233 -6.61 -2.23 14.02
CA GLY A 233 -7.82 -2.67 14.68
C GLY A 233 -8.71 -1.58 15.20
N GLU A 234 -8.41 -0.31 14.95
CA GLU A 234 -9.16 0.80 15.52
C GLU A 234 -10.53 1.02 14.91
N GLY A 235 -10.89 0.46 13.76
CA GLY A 235 -12.22 0.77 13.24
C GLY A 235 -12.32 2.01 12.38
N GLN A 236 -13.24 2.02 11.41
CA GLN A 236 -13.25 3.07 10.41
C GLN A 236 -13.50 4.43 10.99
N ASP A 237 -14.47 4.57 11.92
CA ASP A 237 -14.75 5.87 12.47
C ASP A 237 -13.51 6.48 13.10
N GLU A 238 -12.78 5.64 13.86
CA GLU A 238 -11.60 6.15 14.57
C GLU A 238 -10.45 6.48 13.62
N MET A 239 -10.26 5.58 12.67
CA MET A 239 -9.26 5.88 11.62
C MET A 239 -9.54 7.17 10.87
N PHE A 240 -10.78 7.38 10.44
CA PHE A 240 -11.14 8.64 9.78
C PHE A 240 -10.98 9.86 10.68
N ARG A 241 -11.31 9.71 11.96
CA ARG A 241 -11.10 10.79 12.92
C ARG A 241 -9.66 11.21 13.04
N VAL A 242 -8.80 10.18 13.11
CA VAL A 242 -7.36 10.46 13.16
C VAL A 242 -6.84 11.05 11.86
N LEU A 243 -7.35 10.51 10.75
CA LEU A 243 -6.95 11.13 9.49
C LEU A 243 -7.38 12.60 9.36
N ASP A 244 -8.59 12.94 9.86
CA ASP A 244 -9.04 14.33 9.81
C ASP A 244 -8.03 15.33 10.31
N PHE A 245 -7.38 15.01 11.43
CA PHE A 245 -6.39 15.98 11.91
C PHE A 245 -4.98 15.64 11.45
N SER A 246 -4.72 14.36 11.12
CA SER A 246 -3.31 14.03 10.88
C SER A 246 -2.80 14.41 9.50
N VAL A 247 -3.64 14.12 8.49
CA VAL A 247 -3.13 14.37 7.13
C VAL A 247 -2.83 15.81 6.86
N PRO A 248 -3.64 16.77 7.30
CA PRO A 248 -3.19 18.15 7.08
C PRO A 248 -1.88 18.53 7.75
N MET A 249 -1.37 17.70 8.67
CA MET A 249 -0.10 18.09 9.29
C MET A 249 1.08 17.82 8.38
N LEU A 250 0.85 17.00 7.36
CA LEU A 250 1.93 16.59 6.48
C LEU A 250 2.14 17.64 5.38
N PRO A 251 3.35 17.76 4.85
CA PRO A 251 3.58 18.66 3.73
C PRO A 251 2.56 18.41 2.62
N ASP A 252 1.88 19.47 2.21
CA ASP A 252 0.85 19.35 1.18
C ASP A 252 1.40 18.88 -0.13
N ASP A 253 2.63 19.29 -0.46
CA ASP A 253 3.17 19.16 -1.79
C ASP A 253 3.89 17.83 -2.01
N LYS A 254 3.72 16.90 -1.08
CA LYS A 254 4.28 15.56 -1.15
C LYS A 254 3.20 14.49 -1.02
N PRO A 255 3.43 13.33 -1.57
CA PRO A 255 2.41 12.27 -1.47
C PRO A 255 2.19 11.82 -0.04
N HIS A 256 0.94 11.42 0.24
CA HIS A 256 0.49 10.93 1.54
C HIS A 256 0.05 9.49 1.37
N TYR A 257 0.71 8.54 2.04
CA TYR A 257 0.45 7.12 1.90
C TYR A 257 -0.18 6.57 3.17
N LEU A 258 -1.36 5.99 3.09
CA LEU A 258 -1.99 5.37 4.27
C LEU A 258 -1.68 3.89 4.20
N MET A 259 -0.83 3.50 5.16
CA MET A 259 -0.36 2.11 5.13
C MET A 259 -1.42 1.11 5.61
N GLY A 260 -1.60 0.13 4.75
CA GLY A 260 -2.48 -0.99 5.12
C GLY A 260 -3.95 -0.78 4.90
N VAL A 261 -4.34 0.30 4.25
CA VAL A 261 -5.74 0.60 3.96
C VAL A 261 -5.97 0.51 2.45
N GLY A 262 -6.99 -0.21 2.01
CA GLY A 262 -7.95 -0.92 2.81
C GLY A 262 -9.14 -1.35 1.95
N LYS A 263 -10.31 -1.46 2.57
CA LYS A 263 -11.55 -1.80 1.89
C LYS A 263 -11.94 -0.66 0.95
N PRO A 264 -12.76 -0.89 -0.06
CA PRO A 264 -13.16 0.16 -0.99
C PRO A 264 -13.66 1.41 -0.31
N ASP A 265 -14.51 1.26 0.69
CA ASP A 265 -15.07 2.35 1.46
C ASP A 265 -14.02 3.08 2.29
N ASP A 266 -13.03 2.35 2.80
CA ASP A 266 -11.98 3.06 3.53
C ASP A 266 -11.16 3.97 2.58
N ILE A 267 -10.90 3.42 1.39
CA ILE A 267 -10.17 4.17 0.35
C ILE A 267 -10.91 5.44 -0.02
N VAL A 268 -12.20 5.40 -0.37
CA VAL A 268 -12.93 6.62 -0.69
C VAL A 268 -12.88 7.63 0.43
N GLY A 269 -13.13 7.22 1.69
CA GLY A 269 -13.08 8.21 2.75
C GLY A 269 -11.71 8.75 3.06
N ALA A 270 -10.69 7.91 2.84
CA ALA A 270 -9.33 8.47 3.04
C ALA A 270 -8.89 9.41 1.95
N VAL A 271 -9.30 9.17 0.70
CA VAL A 271 -9.00 10.14 -0.36
C VAL A 271 -9.72 11.45 -0.02
N GLU A 272 -10.94 11.35 0.52
CA GLU A 272 -11.64 12.54 0.95
C GLU A 272 -10.88 13.31 2.02
N ARG A 273 -9.96 12.64 2.70
CA ARG A 273 -9.17 13.23 3.77
C ARG A 273 -7.74 13.53 3.39
N GLY A 274 -7.39 13.36 2.12
CA GLY A 274 -6.13 13.75 1.55
C GLY A 274 -5.08 12.71 1.30
N ILE A 275 -5.39 11.44 1.33
CA ILE A 275 -4.46 10.36 1.03
C ILE A 275 -4.39 10.10 -0.47
N ASP A 276 -3.16 9.83 -0.90
CA ASP A 276 -2.79 9.63 -2.30
C ASP A 276 -2.42 8.20 -2.66
N MET A 277 -2.13 7.37 -1.65
CA MET A 277 -1.59 6.05 -1.93
C MET A 277 -2.08 5.05 -0.88
N PHE A 278 -2.31 3.84 -1.40
CA PHE A 278 -2.91 2.77 -0.63
C PHE A 278 -2.29 1.42 -0.98
N ASP A 279 -2.30 0.54 0.03
CA ASP A 279 -1.92 -0.85 -0.14
C ASP A 279 -2.94 -1.64 0.69
N CYS A 280 -3.50 -2.71 0.19
CA CYS A 280 -4.26 -3.58 1.10
C CYS A 280 -4.02 -5.03 0.69
N VAL A 281 -4.01 -5.95 1.63
CA VAL A 281 -3.90 -7.36 1.21
C VAL A 281 -5.30 -7.95 1.05
N LEU A 282 -6.31 -7.12 1.34
CA LEU A 282 -7.70 -7.57 1.29
C LEU A 282 -8.12 -8.09 -0.08
N PRO A 283 -7.93 -7.37 -1.17
CA PRO A 283 -8.35 -7.89 -2.49
C PRO A 283 -7.68 -9.20 -2.87
N THR A 284 -6.47 -9.47 -2.40
CA THR A 284 -5.82 -10.73 -2.78
C THR A 284 -6.26 -11.88 -1.87
N ARG A 285 -5.98 -11.61 -0.60
CA ARG A 285 -6.35 -12.39 0.56
C ARG A 285 -7.83 -12.77 0.52
N SER A 286 -8.66 -11.73 0.61
CA SER A 286 -10.11 -11.93 0.68
C SER A 286 -10.66 -12.55 -0.60
N GLY A 287 -9.87 -12.59 -1.68
CA GLY A 287 -10.32 -13.18 -2.92
C GLY A 287 -10.13 -14.69 -2.95
N ARG A 288 -8.97 -15.11 -2.45
CA ARG A 288 -8.77 -16.57 -2.47
C ARG A 288 -9.70 -17.26 -1.48
N ASN A 289 -10.27 -16.53 -0.54
CA ASN A 289 -11.22 -16.89 0.51
C ASN A 289 -12.68 -16.89 0.03
N GLY A 290 -12.86 -16.34 -1.16
CA GLY A 290 -14.13 -16.31 -1.84
C GLY A 290 -14.79 -14.97 -1.87
N GLN A 291 -14.16 -13.94 -1.28
CA GLN A 291 -14.81 -12.64 -1.33
C GLN A 291 -14.48 -11.88 -2.63
N ALA A 292 -15.52 -11.51 -3.35
CA ALA A 292 -15.41 -10.70 -4.54
C ALA A 292 -15.99 -9.30 -4.32
N PHE A 293 -15.24 -8.29 -4.75
CA PHE A 293 -15.78 -6.91 -4.63
C PHE A 293 -16.68 -6.62 -5.81
N THR A 294 -17.84 -5.97 -5.57
CA THR A 294 -18.73 -5.52 -6.64
C THR A 294 -19.23 -4.12 -6.27
N TRP A 295 -19.84 -3.40 -7.20
CA TRP A 295 -20.26 -2.03 -6.89
C TRP A 295 -21.47 -1.92 -5.98
N ASP A 296 -22.13 -3.03 -5.82
CA ASP A 296 -23.17 -3.31 -4.86
C ASP A 296 -22.67 -3.96 -3.59
N GLY A 297 -21.39 -3.97 -3.29
CA GLY A 297 -20.73 -4.51 -2.13
C GLY A 297 -20.13 -5.88 -2.34
N PRO A 298 -19.43 -6.40 -1.34
CA PRO A 298 -18.72 -7.66 -1.48
C PRO A 298 -19.72 -8.81 -1.53
N ILE A 299 -19.33 -9.85 -2.28
CA ILE A 299 -20.09 -11.09 -2.26
C ILE A 299 -19.17 -12.20 -1.84
N ASN A 300 -19.69 -13.27 -1.23
CA ASN A 300 -18.83 -14.42 -0.99
C ASN A 300 -19.23 -15.50 -2.02
N ILE A 301 -18.38 -15.68 -3.01
CA ILE A 301 -18.77 -16.53 -4.14
C ILE A 301 -18.99 -17.98 -3.76
N ARG A 302 -18.54 -18.41 -2.60
CA ARG A 302 -18.77 -19.81 -2.16
C ARG A 302 -20.23 -20.05 -1.79
N ASN A 303 -20.99 -19.01 -1.54
CA ASN A 303 -22.40 -19.14 -1.11
C ASN A 303 -23.17 -19.92 -2.18
N ALA A 304 -24.01 -20.85 -1.71
CA ALA A 304 -24.78 -21.74 -2.58
C ALA A 304 -25.64 -20.99 -3.57
N ARG A 305 -26.00 -19.76 -3.27
CA ARG A 305 -26.85 -18.96 -4.12
C ARG A 305 -26.11 -18.71 -5.44
N PHE A 306 -24.81 -18.90 -5.54
CA PHE A 306 -24.12 -18.58 -6.79
C PHE A 306 -23.93 -19.80 -7.67
N SER A 307 -24.43 -20.96 -7.22
CA SER A 307 -24.04 -22.19 -7.87
C SER A 307 -24.57 -22.26 -9.30
N GLU A 308 -25.61 -21.52 -9.65
CA GLU A 308 -26.12 -21.62 -11.01
C GLU A 308 -26.29 -20.22 -11.58
N ASP A 309 -25.52 -19.29 -11.03
CA ASP A 309 -25.60 -17.88 -11.44
C ASP A 309 -24.67 -17.60 -12.61
N LEU A 310 -25.24 -17.39 -13.80
CA LEU A 310 -24.45 -17.21 -15.01
C LEU A 310 -23.91 -15.80 -15.18
N LYS A 311 -24.30 -14.86 -14.30
CA LYS A 311 -23.79 -13.50 -14.42
C LYS A 311 -22.30 -13.38 -14.06
N PRO A 312 -21.56 -12.40 -14.54
CA PRO A 312 -20.18 -12.19 -14.08
C PRO A 312 -20.18 -11.76 -12.62
N LEU A 313 -19.01 -11.80 -11.97
CA LEU A 313 -18.86 -11.36 -10.59
C LEU A 313 -19.50 -9.99 -10.36
N ASP A 314 -19.22 -9.03 -11.22
CA ASP A 314 -19.83 -7.72 -11.09
C ASP A 314 -20.35 -7.28 -12.46
N SER A 315 -21.50 -6.61 -12.51
CA SER A 315 -22.22 -6.32 -13.73
C SER A 315 -21.59 -5.26 -14.62
N GLU A 316 -20.74 -4.41 -14.02
CA GLU A 316 -20.13 -3.37 -14.86
C GLU A 316 -18.65 -3.55 -15.14
N CYS A 317 -18.05 -4.38 -14.31
CA CYS A 317 -16.59 -4.58 -14.33
C CYS A 317 -16.14 -4.97 -15.72
N HIS A 318 -15.05 -4.38 -16.17
CA HIS A 318 -14.43 -4.43 -17.47
C HIS A 318 -13.32 -5.47 -17.44
N CYS A 319 -13.06 -6.10 -16.30
CA CYS A 319 -11.95 -7.06 -16.28
C CYS A 319 -12.22 -8.29 -17.13
N ALA A 320 -11.13 -9.00 -17.44
CA ALA A 320 -11.15 -10.15 -18.33
C ALA A 320 -11.92 -11.29 -17.69
N VAL A 321 -11.92 -11.32 -16.35
CA VAL A 321 -12.64 -12.40 -15.68
C VAL A 321 -14.12 -12.21 -15.93
N CYS A 322 -14.59 -10.99 -15.79
CA CYS A 322 -16.00 -10.69 -15.94
C CYS A 322 -16.42 -10.75 -17.40
N GLN A 323 -15.45 -10.59 -18.31
CA GLN A 323 -15.75 -10.77 -19.74
C GLN A 323 -16.02 -12.22 -20.06
N LYS A 324 -15.39 -13.18 -19.39
CA LYS A 324 -15.33 -14.56 -19.84
C LYS A 324 -15.98 -15.61 -18.96
N TRP A 325 -16.06 -15.42 -17.65
CA TRP A 325 -16.55 -16.51 -16.80
C TRP A 325 -17.70 -16.07 -15.89
N SER A 326 -18.55 -17.02 -15.56
CA SER A 326 -19.64 -16.78 -14.64
C SER A 326 -19.30 -16.97 -13.17
N ARG A 327 -20.14 -16.34 -12.35
CA ARG A 327 -20.15 -16.65 -10.92
C ARG A 327 -20.24 -18.13 -10.68
N ALA A 328 -21.09 -18.83 -11.43
CA ALA A 328 -21.29 -20.25 -11.17
C ALA A 328 -20.00 -21.02 -11.34
N TYR A 329 -19.22 -20.69 -12.36
CA TYR A 329 -17.96 -21.41 -12.55
C TYR A 329 -16.95 -21.09 -11.47
N ILE A 330 -16.86 -19.81 -11.09
CA ILE A 330 -15.83 -19.43 -10.10
C ILE A 330 -16.20 -20.00 -8.73
N HIS A 331 -17.50 -20.03 -8.45
CA HIS A 331 -18.06 -20.72 -7.30
C HIS A 331 -17.57 -22.16 -7.25
N HIS A 332 -17.71 -22.88 -8.37
CA HIS A 332 -17.29 -24.28 -8.46
C HIS A 332 -15.81 -24.42 -8.20
N LEU A 333 -15.04 -23.53 -8.88
CA LEU A 333 -13.60 -23.56 -8.68
C LEU A 333 -13.16 -23.32 -7.23
N ILE A 334 -13.72 -22.31 -6.59
CA ILE A 334 -13.28 -22.01 -5.22
C ILE A 334 -13.70 -23.13 -4.30
N ARG A 335 -14.93 -23.62 -4.46
CA ARG A 335 -15.43 -24.76 -3.70
C ARG A 335 -14.57 -26.00 -3.84
N ALA A 336 -14.05 -26.20 -5.03
CA ALA A 336 -13.19 -27.32 -5.36
C ALA A 336 -11.73 -27.11 -4.97
N GLY A 337 -11.34 -25.97 -4.45
CA GLY A 337 -9.96 -25.70 -4.14
C GLY A 337 -9.07 -25.62 -5.35
N GLU A 338 -9.61 -25.25 -6.51
CA GLU A 338 -8.79 -25.20 -7.72
C GLU A 338 -8.00 -23.89 -7.77
N ILE A 339 -6.74 -24.02 -8.19
CA ILE A 339 -5.91 -22.82 -8.34
C ILE A 339 -6.49 -21.82 -9.29
N LEU A 340 -7.09 -22.18 -10.42
CA LEU A 340 -7.69 -21.15 -11.28
C LEU A 340 -8.75 -20.35 -10.54
N GLY A 341 -9.41 -20.89 -9.55
CA GLY A 341 -10.34 -20.09 -8.75
C GLY A 341 -9.66 -18.91 -8.09
N ALA A 342 -8.53 -19.11 -7.44
CA ALA A 342 -7.72 -18.08 -6.82
C ALA A 342 -7.21 -17.10 -7.87
N MET A 343 -6.73 -17.61 -9.00
CA MET A 343 -6.27 -16.73 -10.08
C MET A 343 -7.36 -15.80 -10.54
N LEU A 344 -8.59 -16.27 -10.77
CA LEU A 344 -9.64 -15.43 -11.32
C LEU A 344 -10.20 -14.50 -10.27
N MET A 345 -10.35 -14.97 -9.04
CA MET A 345 -10.90 -14.05 -8.04
C MET A 345 -9.89 -12.90 -7.80
N THR A 346 -8.62 -13.23 -7.79
CA THR A 346 -7.61 -12.19 -7.52
C THR A 346 -7.54 -11.21 -8.68
N GLU A 347 -7.61 -11.67 -9.91
CA GLU A 347 -7.54 -10.75 -11.05
C GLU A 347 -8.71 -9.78 -10.99
N HIS A 348 -9.91 -10.35 -10.79
CA HIS A 348 -11.09 -9.51 -10.65
C HIS A 348 -10.92 -8.48 -9.54
N ASN A 349 -10.51 -8.92 -8.36
CA ASN A 349 -10.53 -7.98 -7.21
C ASN A 349 -9.51 -6.90 -7.42
N ILE A 350 -8.35 -7.25 -7.93
CA ILE A 350 -7.37 -6.18 -8.19
C ILE A 350 -7.83 -5.29 -9.31
N ALA A 351 -8.51 -5.79 -10.32
CA ALA A 351 -9.03 -4.96 -11.39
C ALA A 351 -10.11 -4.02 -10.83
N PHE A 352 -10.96 -4.57 -9.97
CA PHE A 352 -12.00 -3.76 -9.33
C PHE A 352 -11.39 -2.54 -8.64
N TYR A 353 -10.39 -2.81 -7.82
CA TYR A 353 -9.69 -1.78 -7.09
C TYR A 353 -9.09 -0.76 -8.06
N GLN A 354 -8.49 -1.21 -9.17
CA GLN A 354 -7.91 -0.23 -10.10
C GLN A 354 -8.99 0.63 -10.72
N GLN A 355 -10.14 0.01 -10.99
CA GLN A 355 -11.23 0.77 -11.60
C GLN A 355 -11.82 1.75 -10.60
N LEU A 356 -11.77 1.37 -9.32
CA LEU A 356 -12.21 2.31 -8.28
C LEU A 356 -11.30 3.54 -8.30
N MET A 357 -10.00 3.25 -8.32
CA MET A 357 -9.02 4.35 -8.28
C MET A 357 -9.21 5.25 -9.50
N GLN A 358 -9.47 4.63 -10.64
CA GLN A 358 -9.67 5.41 -11.84
C GLN A 358 -10.91 6.30 -11.75
N LYS A 359 -12.01 5.78 -11.23
CA LYS A 359 -13.21 6.59 -11.00
C LYS A 359 -12.94 7.69 -9.98
N ILE A 360 -12.14 7.40 -8.96
CA ILE A 360 -11.76 8.46 -8.02
C ILE A 360 -10.93 9.55 -8.70
N ARG A 361 -9.93 9.14 -9.49
CA ARG A 361 -9.09 10.15 -10.13
C ARG A 361 -9.89 11.03 -11.08
N ASP A 362 -10.69 10.38 -11.92
CA ASP A 362 -11.48 11.15 -12.89
C ASP A 362 -12.48 12.06 -12.22
N SER A 363 -13.06 11.59 -11.13
CA SER A 363 -14.07 12.42 -10.47
C SER A 363 -13.38 13.61 -9.82
N ILE A 364 -12.21 13.45 -9.24
CA ILE A 364 -11.54 14.64 -8.69
C ILE A 364 -11.15 15.60 -9.83
N SER A 365 -10.63 15.02 -10.93
CA SER A 365 -10.19 15.87 -12.01
C SER A 365 -11.35 16.72 -12.56
N GLU A 366 -12.54 16.14 -12.50
CA GLU A 366 -13.74 16.78 -13.03
C GLU A 366 -14.53 17.53 -11.98
N GLY A 367 -14.01 17.58 -10.76
CA GLY A 367 -14.64 18.34 -9.68
C GLY A 367 -15.94 17.76 -9.23
N ARG A 368 -16.18 16.47 -9.35
CA ARG A 368 -17.36 15.79 -8.85
C ARG A 368 -17.07 14.60 -7.94
N PHE A 369 -15.94 14.65 -7.23
CA PHE A 369 -15.61 13.49 -6.37
C PHE A 369 -16.52 13.37 -5.18
N SER A 370 -16.93 14.49 -4.58
CA SER A 370 -17.84 14.35 -3.44
C SER A 370 -19.14 13.72 -3.92
N GLN A 371 -19.65 14.04 -5.12
CA GLN A 371 -20.81 13.34 -5.61
C GLN A 371 -20.50 11.84 -5.85
N PHE A 372 -19.37 11.54 -6.50
CA PHE A 372 -18.97 10.16 -6.68
C PHE A 372 -18.99 9.42 -5.36
N ALA A 373 -18.44 10.07 -4.31
CA ALA A 373 -18.29 9.34 -3.06
C ALA A 373 -19.64 9.01 -2.46
N GLN A 374 -20.54 9.96 -2.61
CA GLN A 374 -21.91 9.78 -2.16
C GLN A 374 -22.64 8.70 -2.93
N ASP A 375 -22.56 8.74 -4.25
CA ASP A 375 -23.13 7.72 -5.13
C ASP A 375 -22.50 6.37 -4.84
N PHE A 376 -21.20 6.32 -4.64
CA PHE A 376 -20.51 5.06 -4.38
C PHE A 376 -21.10 4.40 -3.11
N ARG A 377 -21.14 5.19 -2.03
CA ARG A 377 -21.64 4.65 -0.78
C ARG A 377 -23.11 4.23 -0.84
N ALA A 378 -23.95 4.96 -1.55
CA ALA A 378 -25.37 4.64 -1.61
C ALA A 378 -25.58 3.24 -2.14
N ARG A 379 -24.76 2.96 -3.15
CA ARG A 379 -24.88 1.69 -3.84
C ARG A 379 -24.11 0.59 -3.13
N TYR A 380 -22.89 0.87 -2.68
CA TYR A 380 -22.05 -0.13 -2.04
C TYR A 380 -22.71 -0.72 -0.79
N PHE A 381 -23.45 0.10 -0.06
CA PHE A 381 -24.15 -0.28 1.16
C PHE A 381 -25.67 -0.40 1.01
ZN ZN B . -14.28 -8.27 -13.00
C15 NE8 C . 2.12 -2.19 5.25
C15 NE8 C . 3.07 -3.75 6.68
C14 NE8 C . 2.41 -2.76 6.67
C14 NE8 C . 2.41 -2.40 6.39
C5 NE8 C . 1.85 -1.78 7.74
C5 NE8 C . 1.98 -1.49 7.54
C4 NE8 C . 2.64 -0.80 8.37
C4 NE8 C . 2.89 -0.68 8.24
N10 NE8 C . 3.96 -0.64 8.08
N10 NE8 C . 4.22 -0.71 7.95
C9 NE8 C . 4.70 0.25 8.63
C9 NE8 C . 5.05 0.01 8.60
N23 NE8 C . 5.95 0.32 8.28
N23 NE8 C . 6.33 -0.02 8.30
N8 NE8 C . 4.28 1.09 9.56
N8 NE8 C . 4.74 0.83 9.58
C7 NE8 C . 3.03 1.08 9.95
C7 NE8 C . 3.51 0.96 9.99
O22 NE8 C . 2.58 1.86 10.78
O22 NE8 C . 3.16 1.73 10.88
C3 NE8 C . 2.09 0.07 9.32
C3 NE8 C . 2.45 0.16 9.27
C2 NE8 C . 0.75 -0.01 9.71
C2 NE8 C . 1.11 0.27 9.66
C1 NE8 C . -0.03 -0.99 9.10
C1 NE8 C . 0.22 -0.52 8.96
N11 NE8 C . -1.34 -1.31 9.26
N11 NE8 C . -1.13 -0.65 9.09
C12 NE8 C . -1.57 -2.30 8.45
C12 NE8 C . -1.49 -1.51 8.21
N13 NE8 C . -0.52 -2.63 7.80
N13 NE8 C . -0.50 -1.94 7.52
C6 NE8 C . 0.51 -1.83 8.15
C6 NE8 C . 0.64 -1.35 7.94
C16 NE8 C . 2.87 -2.94 4.17
C16 NE8 C . 3.02 -4.55 5.36
C17 NE8 C . 3.09 -4.30 4.26
C17 NE8 C . 3.64 -4.04 4.22
C18 NE8 C . 3.79 -4.98 3.25
C18 NE8 C . 3.60 -4.76 3.03
C19 NE8 C . 4.25 -4.26 2.15
C19 NE8 C . 2.94 -5.99 2.98
C20 NE8 C . 4.04 -2.89 2.05
C20 NE8 C . 2.32 -6.50 4.12
C21 NE8 C . 3.35 -2.22 3.05
C21 NE8 C . 2.36 -5.79 5.32
C1 GOL D . 4.80 -6.37 -16.31
O1 GOL D . 5.56 -7.60 -16.40
C2 GOL D . 5.80 -5.24 -16.59
O2 GOL D . 7.06 -5.61 -16.06
C3 GOL D . 5.26 -3.90 -16.13
O3 GOL D . 5.51 -2.91 -17.15
C1 GOL E . -20.33 2.30 -10.17
O1 GOL E . -20.90 2.35 -11.50
C2 GOL E . -20.45 3.72 -9.57
O2 GOL E . -19.40 4.53 -10.12
C3 GOL E . -20.39 3.64 -8.04
O3 GOL E . -21.57 3.03 -7.56
#